data_4AYQ
#
_entry.id   4AYQ
#
_cell.length_a   143.607
_cell.length_b   143.607
_cell.length_c   50.026
_cell.angle_alpha   90.00
_cell.angle_beta   90.00
_cell.angle_gamma   120.00
#
_symmetry.space_group_name_H-M   'H 3'
#
loop_
_entity.id
_entity.type
_entity.pdbx_description
1 polymer 'MANNOSYL-OLIGOSACCHARIDE 1,2-ALPHA-MANNOSIDASE'
2 non-polymer 'CALCIUM ION'
3 non-polymer 'SODIUM ION'
4 non-polymer (5R,6R,7S,8R)-5-(HYDROXYMETHYL)-5,6,7,8-TETRAHYDROIMIDAZO[1,2-A]PYRIDINE-6,7,8-TRIOL
5 non-polymer DI(HYDROXYETHYL)ETHER
6 water water
#
_entity_poly.entity_id   1
_entity_poly.type   'polypeptide(L)'
_entity_poly.pdbx_seq_one_letter_code
;MASETTPEDWKALAADVRSEFQWAWQGYVAKAWGKDEINPVSGTSRSFFIEGHDLGLSLVEALDTLWIMGLDAEFQAGVD
WVKANLSFDVDGNAQVFETNIRLVGGLLSAHLASGDPVLLAKARDLADRLAKAFEASPHGLPWRYVNLRTGAVSDPETNL
AEIGTYLSEFGVLSQLTGERKYFDMAKRAMRHTLDRRSKIGLMAANIHAMTGAFTSRNASIDVYADSFYEYLWDAWALFG
DEDCKRWAVECVDAQLAHQAKRYDGRLWFPMVDFETGAVTGTAQSELAAYYAGLLGQVGRKAQGDDYLASFTYLQATFGV
IPESIDVTTGQPRRKHTGLRPEYPDACLNLWLIDRDPRYRRLAAIHYREMKATSRAAFGYTALKDITTRPMTQDDNCPGY
WWSEQMKYYYLLFSDTPRIDYGQLQLSTEANVLRGFRKVLEHHHHHH
;
_entity_poly.pdbx_strand_id   A
#
# COMPACT_ATOMS: atom_id res chain seq x y z
N THR A 6 22.44 9.24 24.47
CA THR A 6 21.84 7.95 24.92
C THR A 6 21.28 7.18 23.73
N PRO A 7 21.70 5.91 23.57
CA PRO A 7 21.14 5.09 22.49
C PRO A 7 19.63 4.94 22.58
N GLU A 8 18.97 4.95 21.43
CA GLU A 8 17.54 4.78 21.42
C GLU A 8 17.17 3.44 22.03
N ASP A 9 16.19 3.44 22.91
CA ASP A 9 15.62 2.21 23.42
C ASP A 9 14.50 1.83 22.46
N TRP A 10 14.79 0.93 21.54
CA TRP A 10 13.84 0.58 20.50
C TRP A 10 12.63 -0.10 21.07
N LYS A 11 12.82 -0.88 22.13
CA LYS A 11 11.68 -1.57 22.73
C LYS A 11 10.72 -0.60 23.38
N ALA A 12 11.24 0.42 24.03
CA ALA A 12 10.37 1.46 24.59
C ALA A 12 9.65 2.19 23.47
N LEU A 13 10.32 2.47 22.37
CA LEU A 13 9.67 3.14 21.26
C LEU A 13 8.55 2.27 20.66
N ALA A 14 8.80 0.98 20.54
CA ALA A 14 7.76 0.05 20.10
C ALA A 14 6.57 0.08 21.02
N ALA A 15 6.82 0.10 22.33
CA ALA A 15 5.73 0.14 23.29
C ALA A 15 4.91 1.42 23.12
N ASP A 16 5.57 2.53 22.80
CA ASP A 16 4.88 3.79 22.54
C ASP A 16 4.00 3.70 21.29
N VAL A 17 4.53 3.12 20.23
CA VAL A 17 3.75 2.90 19.02
C VAL A 17 2.49 2.09 19.36
N ARG A 18 2.65 1.01 20.10
CA ARG A 18 1.53 0.16 20.47
C ARG A 18 0.50 0.93 21.30
N SER A 19 0.97 1.70 22.27
CA SER A 19 0.12 2.53 23.11
CA SER A 19 0.05 2.45 23.09
C SER A 19 -0.71 3.49 22.28
N GLU A 20 -0.03 4.17 21.36
CA GLU A 20 -0.70 5.11 20.48
C GLU A 20 -1.71 4.44 19.57
N PHE A 21 -1.37 3.25 19.08
CA PHE A 21 -2.28 2.51 18.22
C PHE A 21 -3.53 2.09 18.98
N GLN A 22 -3.34 1.59 20.19
CA GLN A 22 -4.46 1.23 21.03
C GLN A 22 -5.35 2.43 21.34
N TRP A 23 -4.72 3.55 21.64
CA TRP A 23 -5.45 4.78 21.89
C TRP A 23 -6.27 5.19 20.66
N ALA A 24 -5.66 5.13 19.48
CA ALA A 24 -6.38 5.42 18.24
C ALA A 24 -7.56 4.46 18.04
N TRP A 25 -7.32 3.18 18.27
CA TRP A 25 -8.37 2.17 18.18
C TRP A 25 -9.53 2.53 19.08
N GLN A 26 -9.25 2.94 20.32
CA GLN A 26 -10.31 3.36 21.23
C GLN A 26 -11.13 4.50 20.65
N GLY A 27 -10.49 5.44 19.97
CA GLY A 27 -11.21 6.52 19.30
C GLY A 27 -12.11 6.01 18.20
N TYR A 28 -11.60 5.07 17.39
CA TYR A 28 -12.40 4.43 16.36
C TYR A 28 -13.63 3.73 16.95
N VAL A 29 -13.43 2.98 18.01
CA VAL A 29 -14.56 2.29 18.65
C VAL A 29 -15.58 3.32 19.15
N ALA A 30 -15.11 4.41 19.73
CA ALA A 30 -16.01 5.41 20.31
C ALA A 30 -16.78 6.20 19.26
N LYS A 31 -16.17 6.50 18.12
CA LYS A 31 -16.71 7.46 17.17
C LYS A 31 -17.10 6.89 15.81
N ALA A 32 -16.57 5.73 15.44
CA ALA A 32 -16.69 5.26 14.07
C ALA A 32 -16.86 3.76 13.99
N TRP A 33 -17.45 3.13 15.01
CA TRP A 33 -17.46 1.68 15.06
C TRP A 33 -18.22 1.09 13.88
N GLY A 34 -17.57 0.21 13.14
CA GLY A 34 -18.19 -0.41 11.95
C GLY A 34 -18.19 0.47 10.73
N LYS A 35 -17.65 1.67 10.84
CA LYS A 35 -17.64 2.61 9.74
C LYS A 35 -16.29 2.56 9.03
N ASP A 36 -16.24 3.16 7.86
CA ASP A 36 -15.04 3.00 7.05
C ASP A 36 -13.85 3.77 7.60
N GLU A 37 -14.00 5.05 7.90
CA GLU A 37 -12.89 5.84 8.41
C GLU A 37 -13.37 6.77 9.50
N ILE A 38 -12.49 6.99 10.48
CA ILE A 38 -12.71 8.04 11.44
C ILE A 38 -12.15 9.38 10.93
N ASN A 39 -12.89 10.45 11.24
CA ASN A 39 -12.45 11.84 11.11
C ASN A 39 -12.13 12.27 12.55
N PRO A 40 -10.86 12.23 12.94
CA PRO A 40 -10.52 12.26 14.35
C PRO A 40 -10.44 13.65 14.97
N VAL A 41 -10.63 14.70 14.17
CA VAL A 41 -10.70 16.05 14.69
C VAL A 41 -12.14 16.34 15.11
N SER A 42 -13.09 16.09 14.22
CA SER A 42 -14.50 16.23 14.55
C SER A 42 -15.03 15.09 15.40
N GLY A 43 -14.38 13.93 15.36
CA GLY A 43 -14.91 12.75 16.03
C GLY A 43 -16.15 12.17 15.36
N THR A 44 -16.07 12.07 14.05
CA THR A 44 -17.15 11.52 13.23
C THR A 44 -16.59 10.45 12.31
N SER A 45 -17.43 9.85 11.50
CA SER A 45 -17.00 8.84 10.55
C SER A 45 -17.32 9.26 9.13
N ARG A 46 -16.67 8.61 8.18
CA ARG A 46 -17.03 8.75 6.78
C ARG A 46 -16.95 7.39 6.10
N SER A 47 -17.67 7.31 4.98
CA SER A 47 -17.64 6.16 4.10
C SER A 47 -16.44 6.26 3.15
N PHE A 48 -15.97 5.12 2.68
CA PHE A 48 -14.90 5.06 1.71
C PHE A 48 -15.37 4.46 0.38
N PHE A 49 -15.89 3.23 0.37
CA PHE A 49 -16.19 2.58 -0.92
C PHE A 49 -17.50 3.06 -1.52
N ILE A 50 -18.54 3.05 -0.69
CA ILE A 50 -19.93 3.31 -1.12
C ILE A 50 -20.52 4.27 -0.12
N GLU A 51 -20.88 5.48 -0.57
CA GLU A 51 -21.40 6.46 0.36
C GLU A 51 -22.63 5.93 1.08
N GLY A 52 -22.61 5.98 2.41
CA GLY A 52 -23.73 5.51 3.19
C GLY A 52 -23.82 4.01 3.38
N HIS A 53 -22.90 3.24 2.79
CA HIS A 53 -22.88 1.79 2.99
C HIS A 53 -21.47 1.38 3.35
N ASP A 54 -21.11 1.68 4.58
CA ASP A 54 -19.77 1.41 5.05
C ASP A 54 -19.56 -0.11 5.15
N LEU A 55 -18.29 -0.50 5.08
CA LEU A 55 -17.86 -1.88 5.11
C LEU A 55 -16.78 -2.09 6.17
N GLY A 56 -16.78 -1.27 7.23
CA GLY A 56 -15.84 -1.45 8.30
C GLY A 56 -14.40 -1.34 7.86
N LEU A 57 -14.10 -0.49 6.87
CA LEU A 57 -12.78 -0.47 6.28
C LEU A 57 -11.66 -0.43 7.31
N SER A 58 -11.64 0.60 8.16
CA SER A 58 -10.48 0.80 9.02
C SER A 58 -10.33 -0.32 10.02
N LEU A 59 -11.46 -0.86 10.48
CA LEU A 59 -11.48 -2.02 11.35
C LEU A 59 -10.78 -3.17 10.67
N VAL A 60 -11.16 -3.47 9.42
CA VAL A 60 -10.54 -4.58 8.70
C VAL A 60 -9.06 -4.30 8.49
N GLU A 61 -8.71 -3.08 8.10
CA GLU A 61 -7.30 -2.74 7.85
C GLU A 61 -6.46 -2.92 9.09
N ALA A 62 -7.02 -2.64 10.26
CA ALA A 62 -6.31 -2.69 11.52
C ALA A 62 -6.02 -4.08 12.03
N LEU A 63 -6.76 -5.09 11.56
CA LEU A 63 -6.75 -6.37 12.26
C LEU A 63 -5.37 -6.98 12.39
N ASP A 64 -4.64 -7.14 11.30
CA ASP A 64 -3.34 -7.76 11.45
C ASP A 64 -2.38 -6.96 12.30
N THR A 65 -2.45 -5.63 12.22
CA THR A 65 -1.64 -4.77 13.08
C THR A 65 -1.91 -5.05 14.55
N LEU A 66 -3.20 -5.10 14.92
CA LEU A 66 -3.60 -5.38 16.28
C LEU A 66 -3.00 -6.70 16.75
N TRP A 67 -3.13 -7.73 15.93
CA TRP A 67 -2.61 -9.05 16.31
C TRP A 67 -1.12 -9.02 16.52
N ILE A 68 -0.39 -8.39 15.60
CA ILE A 68 1.06 -8.35 15.67
C ILE A 68 1.49 -7.67 16.96
N MET A 69 0.77 -6.61 17.35
CA MET A 69 1.07 -5.86 18.56
C MET A 69 0.65 -6.57 19.84
N GLY A 70 0.00 -7.71 19.75
CA GLY A 70 -0.49 -8.35 20.95
C GLY A 70 -1.67 -7.63 21.58
N LEU A 71 -2.40 -6.87 20.78
CA LEU A 71 -3.64 -6.22 21.23
C LEU A 71 -4.76 -7.20 20.94
N ASP A 72 -4.77 -8.30 21.71
CA ASP A 72 -5.58 -9.46 21.37
C ASP A 72 -7.06 -9.23 21.58
N ALA A 73 -7.41 -8.57 22.68
CA ALA A 73 -8.82 -8.26 22.91
C ALA A 73 -9.38 -7.39 21.81
N GLU A 74 -8.61 -6.40 21.39
CA GLU A 74 -9.01 -5.49 20.34
C GLU A 74 -9.15 -6.25 19.01
N PHE A 75 -8.14 -7.05 18.70
CA PHE A 75 -8.17 -7.90 17.51
C PHE A 75 -9.46 -8.73 17.48
N GLN A 76 -9.74 -9.41 18.60
CA GLN A 76 -10.89 -10.29 18.63
C GLN A 76 -12.20 -9.52 18.52
N ALA A 77 -12.26 -8.33 19.09
CA ALA A 77 -13.46 -7.51 18.95
C ALA A 77 -13.67 -7.19 17.49
N GLY A 78 -12.60 -6.86 16.77
CA GLY A 78 -12.72 -6.58 15.36
C GLY A 78 -13.11 -7.82 14.55
N VAL A 79 -12.45 -8.94 14.79
CA VAL A 79 -12.81 -10.16 14.11
C VAL A 79 -14.26 -10.53 14.35
N ASP A 80 -14.70 -10.42 15.60
CA ASP A 80 -16.07 -10.77 15.91
C ASP A 80 -17.06 -9.85 15.22
N TRP A 81 -16.73 -8.57 15.08
CA TRP A 81 -17.56 -7.66 14.31
C TRP A 81 -17.65 -8.11 12.87
N VAL A 82 -16.53 -8.47 12.26
CA VAL A 82 -16.52 -8.91 10.87
C VAL A 82 -17.42 -10.14 10.72
N LYS A 83 -17.26 -11.10 11.62
CA LYS A 83 -17.98 -12.35 11.48
C LYS A 83 -19.48 -12.12 11.59
N ALA A 84 -19.92 -11.22 12.48
CA ALA A 84 -21.33 -10.96 12.65
C ALA A 84 -21.94 -10.07 11.57
N ASN A 85 -21.15 -9.15 11.03
CA ASN A 85 -21.69 -7.99 10.32
C ASN A 85 -21.26 -7.78 8.89
N LEU A 86 -20.10 -8.26 8.48
CA LEU A 86 -19.53 -7.83 7.20
C LEU A 86 -20.03 -8.73 6.08
N SER A 87 -20.69 -8.13 5.11
CA SER A 87 -21.32 -8.78 3.96
CA SER A 87 -20.99 -8.88 3.92
C SER A 87 -21.01 -7.95 2.73
N PHE A 88 -20.89 -8.60 1.58
CA PHE A 88 -20.60 -7.90 0.34
C PHE A 88 -21.68 -8.04 -0.71
N ASP A 89 -22.85 -8.51 -0.30
CA ASP A 89 -23.99 -8.59 -1.21
C ASP A 89 -24.67 -7.22 -1.19
N VAL A 90 -24.07 -6.27 -1.89
CA VAL A 90 -24.43 -4.88 -1.80
C VAL A 90 -24.63 -4.33 -3.22
N ASP A 91 -25.78 -3.72 -3.48
CA ASP A 91 -26.10 -3.10 -4.77
C ASP A 91 -25.46 -1.73 -4.82
N GLY A 92 -24.15 -1.72 -5.04
CA GLY A 92 -23.39 -0.50 -5.16
C GLY A 92 -22.05 -0.79 -5.80
N ASN A 93 -21.44 0.26 -6.33
CA ASN A 93 -20.19 0.16 -7.06
C ASN A 93 -19.01 0.31 -6.14
N ALA A 94 -18.08 -0.63 -6.27
CA ALA A 94 -16.83 -0.61 -5.51
C ALA A 94 -15.65 -0.59 -6.45
N GLN A 95 -14.64 0.19 -6.08
CA GLN A 95 -13.42 0.27 -6.85
C GLN A 95 -12.62 -1.01 -6.63
N VAL A 96 -12.43 -1.77 -7.70
CA VAL A 96 -11.88 -3.11 -7.64
C VAL A 96 -10.52 -3.14 -6.96
N PHE A 97 -9.64 -2.23 -7.35
CA PHE A 97 -8.27 -2.17 -6.82
C PHE A 97 -8.28 -1.96 -5.31
N GLU A 98 -9.00 -0.94 -4.85
CA GLU A 98 -9.00 -0.61 -3.42
C GLU A 98 -9.67 -1.73 -2.64
N THR A 99 -10.72 -2.30 -3.19
CA THR A 99 -11.43 -3.36 -2.49
C THR A 99 -10.51 -4.56 -2.29
N ASN A 100 -9.74 -4.90 -3.31
CA ASN A 100 -8.80 -5.99 -3.16
C ASN A 100 -7.72 -5.68 -2.14
N ILE A 101 -6.99 -4.58 -2.31
CA ILE A 101 -5.82 -4.40 -1.46
C ILE A 101 -6.21 -4.14 -0.01
N ARG A 102 -7.36 -3.51 0.20
CA ARG A 102 -7.76 -3.22 1.59
CA ARG A 102 -7.83 -3.15 1.55
C ARG A 102 -8.59 -4.29 2.24
N LEU A 103 -9.64 -4.77 1.56
CA LEU A 103 -10.57 -5.70 2.20
C LEU A 103 -10.19 -7.15 1.94
N VAL A 104 -9.95 -7.55 0.70
CA VAL A 104 -9.49 -8.93 0.50
C VAL A 104 -8.17 -9.15 1.27
N GLY A 105 -7.23 -8.23 1.10
CA GLY A 105 -5.96 -8.38 1.79
C GLY A 105 -6.06 -8.30 3.29
N GLY A 106 -6.93 -7.43 3.80
CA GLY A 106 -7.07 -7.27 5.24
C GLY A 106 -7.72 -8.47 5.89
N LEU A 107 -8.69 -9.07 5.20
CA LEU A 107 -9.30 -10.30 5.66
C LEU A 107 -8.32 -11.47 5.58
N LEU A 108 -7.50 -11.53 4.54
CA LEU A 108 -6.51 -12.59 4.44
C LEU A 108 -5.48 -12.53 5.54
N SER A 109 -4.93 -11.36 5.84
CA SER A 109 -3.94 -11.28 6.90
C SER A 109 -4.57 -11.65 8.24
N ALA A 110 -5.78 -11.19 8.50
CA ALA A 110 -6.46 -11.56 9.72
C ALA A 110 -6.73 -13.06 9.79
N HIS A 111 -7.07 -13.66 8.67
CA HIS A 111 -7.25 -15.11 8.58
C HIS A 111 -5.96 -15.84 8.89
N LEU A 112 -4.86 -15.39 8.31
CA LEU A 112 -3.59 -16.07 8.52
C LEU A 112 -3.13 -15.94 9.97
N ALA A 113 -3.43 -14.82 10.62
CA ALA A 113 -3.04 -14.65 12.01
C ALA A 113 -3.83 -15.54 12.94
N SER A 114 -5.13 -15.65 12.68
CA SER A 114 -6.08 -16.27 13.59
C SER A 114 -6.44 -17.70 13.28
N GLY A 115 -6.30 -18.09 12.02
CA GLY A 115 -6.82 -19.34 11.52
C GLY A 115 -8.33 -19.39 11.33
N ASP A 116 -9.06 -18.30 11.51
CA ASP A 116 -10.52 -18.37 11.54
C ASP A 116 -11.05 -18.54 10.11
N PRO A 117 -11.73 -19.67 9.82
CA PRO A 117 -12.20 -19.92 8.46
CA PRO A 117 -12.21 -19.91 8.46
C PRO A 117 -13.15 -18.86 7.90
N VAL A 118 -13.90 -18.20 8.77
CA VAL A 118 -14.89 -17.23 8.30
C VAL A 118 -14.20 -16.08 7.59
N LEU A 119 -13.03 -15.70 8.06
CA LEU A 119 -12.32 -14.61 7.42
C LEU A 119 -11.87 -14.97 6.01
N LEU A 120 -11.44 -16.21 5.80
CA LEU A 120 -11.16 -16.71 4.47
C LEU A 120 -12.40 -16.78 3.60
N ALA A 121 -13.50 -17.28 4.16
CA ALA A 121 -14.75 -17.36 3.41
C ALA A 121 -15.13 -15.99 2.87
N LYS A 122 -15.02 -14.97 3.72
CA LYS A 122 -15.40 -13.62 3.32
C LYS A 122 -14.43 -13.04 2.30
N ALA A 123 -13.13 -13.29 2.48
CA ALA A 123 -12.15 -12.83 1.49
C ALA A 123 -12.44 -13.43 0.13
N ARG A 124 -12.76 -14.72 0.11
CA ARG A 124 -13.02 -15.41 -1.13
C ARG A 124 -14.33 -14.95 -1.78
N ASP A 125 -15.37 -14.74 -0.98
CA ASP A 125 -16.63 -14.21 -1.49
C ASP A 125 -16.38 -12.90 -2.20
N LEU A 126 -15.60 -12.03 -1.55
CA LEU A 126 -15.33 -10.73 -2.13
C LEU A 126 -14.52 -10.86 -3.40
N ALA A 127 -13.49 -11.72 -3.41
CA ALA A 127 -12.71 -11.93 -4.61
C ALA A 127 -13.57 -12.42 -5.76
N ASP A 128 -14.54 -13.27 -5.49
CA ASP A 128 -15.43 -13.75 -6.55
C ASP A 128 -16.29 -12.63 -7.12
N ARG A 129 -16.66 -11.67 -6.29
CA ARG A 129 -17.38 -10.50 -6.78
C ARG A 129 -16.48 -9.63 -7.64
N LEU A 130 -15.22 -9.49 -7.23
CA LEU A 130 -14.26 -8.70 -8.02
C LEU A 130 -13.92 -9.39 -9.34
N ALA A 131 -13.93 -10.72 -9.35
CA ALA A 131 -13.60 -11.48 -10.55
C ALA A 131 -14.46 -11.06 -11.73
N LYS A 132 -15.69 -10.65 -11.49
CA LYS A 132 -16.56 -10.23 -12.57
C LYS A 132 -15.99 -9.06 -13.35
N ALA A 133 -15.18 -8.21 -12.70
CA ALA A 133 -14.56 -7.08 -13.39
C ALA A 133 -13.50 -7.54 -14.39
N PHE A 134 -12.81 -8.63 -14.11
CA PHE A 134 -11.83 -9.22 -15.00
C PHE A 134 -12.53 -9.94 -16.15
N GLU A 135 -13.60 -10.64 -15.82
CA GLU A 135 -14.35 -11.43 -16.79
C GLU A 135 -15.03 -10.56 -17.84
N ALA A 136 -15.27 -9.30 -17.51
CA ALA A 136 -15.89 -8.35 -18.42
C ALA A 136 -14.94 -7.79 -19.47
N SER A 137 -13.68 -8.22 -19.45
CA SER A 137 -12.70 -7.81 -20.44
C SER A 137 -12.23 -9.00 -21.23
N PRO A 138 -12.17 -8.90 -22.57
CA PRO A 138 -11.66 -10.03 -23.35
C PRO A 138 -10.16 -10.28 -23.12
N HIS A 139 -9.47 -9.33 -22.51
CA HIS A 139 -8.06 -9.41 -22.19
C HIS A 139 -7.81 -9.85 -20.78
N GLY A 140 -8.87 -9.95 -19.98
CA GLY A 140 -8.72 -10.20 -18.56
C GLY A 140 -8.21 -9.02 -17.76
N LEU A 141 -8.31 -7.81 -18.32
CA LEU A 141 -7.93 -6.60 -17.61
C LEU A 141 -9.14 -6.09 -16.85
N PRO A 142 -9.04 -5.92 -15.52
CA PRO A 142 -10.25 -5.57 -14.79
C PRO A 142 -10.71 -4.15 -15.08
N TRP A 143 -12.01 -4.00 -15.25
CA TRP A 143 -12.67 -2.72 -15.15
C TRP A 143 -12.44 -2.14 -13.77
N ARG A 144 -12.52 -0.80 -13.66
CA ARG A 144 -12.14 -0.17 -12.39
C ARG A 144 -13.17 -0.34 -11.30
N TYR A 145 -14.46 -0.38 -11.65
CA TYR A 145 -15.54 -0.47 -10.69
C TYR A 145 -16.43 -1.63 -11.03
N VAL A 146 -16.96 -2.28 -9.99
CA VAL A 146 -17.91 -3.35 -10.16
C VAL A 146 -19.00 -3.21 -9.12
N ASN A 147 -20.23 -3.52 -9.51
CA ASN A 147 -21.31 -3.60 -8.56
C ASN A 147 -21.17 -4.93 -7.82
N LEU A 148 -21.05 -4.86 -6.49
CA LEU A 148 -20.77 -6.05 -5.70
C LEU A 148 -21.85 -7.10 -5.78
N ARG A 149 -23.10 -6.67 -5.97
CA ARG A 149 -24.22 -7.59 -6.11
C ARG A 149 -24.41 -8.07 -7.54
N THR A 150 -24.43 -7.14 -8.50
CA THR A 150 -24.91 -7.48 -9.84
C THR A 150 -23.79 -7.83 -10.82
N GLY A 151 -22.55 -7.48 -10.51
CA GLY A 151 -21.46 -7.69 -11.43
C GLY A 151 -21.32 -6.64 -12.52
N ALA A 152 -22.18 -5.63 -12.56
CA ALA A 152 -22.09 -4.63 -13.61
C ALA A 152 -20.79 -3.83 -13.44
N VAL A 153 -20.11 -3.56 -14.55
CA VAL A 153 -18.84 -2.85 -14.52
C VAL A 153 -18.96 -1.43 -15.04
N SER A 154 -18.02 -0.62 -14.62
CA SER A 154 -17.89 0.72 -15.15
CA SER A 154 -17.91 0.73 -15.12
C SER A 154 -16.45 1.19 -15.09
N ASP A 155 -16.12 2.02 -16.07
CA ASP A 155 -14.84 2.69 -16.27
C ASP A 155 -13.68 1.74 -16.60
N PRO A 156 -13.45 1.51 -17.90
CA PRO A 156 -12.35 0.67 -18.33
C PRO A 156 -11.06 1.44 -18.59
N GLU A 157 -11.05 2.74 -18.32
CA GLU A 157 -9.83 3.51 -18.57
C GLU A 157 -9.01 3.50 -17.29
N THR A 158 -8.25 2.43 -17.20
CA THR A 158 -7.57 2.03 -16.01
C THR A 158 -6.05 2.23 -16.13
N ASN A 159 -5.29 1.56 -15.29
CA ASN A 159 -3.89 1.87 -15.14
C ASN A 159 -3.18 0.66 -14.55
N LEU A 160 -1.85 0.66 -14.62
CA LEU A 160 -1.09 -0.49 -14.18
C LEU A 160 -1.37 -0.90 -12.75
N ALA A 161 -1.45 0.06 -11.84
CA ALA A 161 -1.72 -0.30 -10.45
C ALA A 161 -3.09 -0.98 -10.35
N GLU A 162 -4.09 -0.46 -11.05
CA GLU A 162 -5.43 -0.97 -10.92
C GLU A 162 -5.71 -2.21 -11.75
N ILE A 163 -4.79 -2.62 -12.62
CA ILE A 163 -4.88 -3.93 -13.28
C ILE A 163 -3.90 -4.94 -12.71
N GLY A 164 -2.95 -4.51 -11.88
CA GLY A 164 -1.79 -5.32 -11.54
C GLY A 164 -1.44 -5.37 -10.09
N THR A 165 -2.43 -5.18 -9.22
CA THR A 165 -2.22 -5.25 -7.77
C THR A 165 -3.21 -6.22 -7.15
N TYR A 166 -3.18 -7.46 -7.67
CA TYR A 166 -4.05 -8.53 -7.24
C TYR A 166 -3.32 -9.82 -6.97
N LEU A 167 -2.16 -10.03 -7.57
CA LEU A 167 -1.56 -11.36 -7.58
C LEU A 167 -1.20 -11.84 -6.18
N SER A 168 -0.81 -10.96 -5.27
CA SER A 168 -0.46 -11.42 -3.94
C SER A 168 -1.68 -11.98 -3.21
N GLU A 169 -2.74 -11.20 -3.17
CA GLU A 169 -3.94 -11.62 -2.46
C GLU A 169 -4.59 -12.80 -3.18
N PHE A 170 -4.71 -12.69 -4.49
CA PHE A 170 -5.35 -13.74 -5.28
C PHE A 170 -4.51 -15.01 -5.25
N GLY A 171 -3.19 -14.88 -5.29
CA GLY A 171 -2.33 -16.04 -5.21
C GLY A 171 -2.40 -16.73 -3.87
N VAL A 172 -2.46 -15.97 -2.79
CA VAL A 172 -2.69 -16.55 -1.47
C VAL A 172 -4.05 -17.24 -1.43
N LEU A 173 -5.08 -16.61 -1.97
CA LEU A 173 -6.37 -17.30 -2.10
C LEU A 173 -6.21 -18.63 -2.83
N SER A 174 -5.47 -18.67 -3.92
CA SER A 174 -5.29 -19.94 -4.61
C SER A 174 -4.58 -20.97 -3.73
N GLN A 175 -3.56 -20.55 -3.01
CA GLN A 175 -2.87 -21.46 -2.11
C GLN A 175 -3.81 -22.04 -1.03
N LEU A 176 -4.59 -21.18 -0.42
CA LEU A 176 -5.43 -21.59 0.70
C LEU A 176 -6.63 -22.41 0.26
N THR A 177 -7.24 -22.01 -0.86
CA THR A 177 -8.45 -22.63 -1.33
C THR A 177 -8.19 -23.88 -2.16
N GLY A 178 -7.03 -23.95 -2.81
CA GLY A 178 -6.72 -24.95 -3.82
C GLY A 178 -7.18 -24.63 -5.22
N GLU A 179 -7.84 -23.49 -5.43
CA GLU A 179 -8.34 -23.10 -6.74
C GLU A 179 -7.40 -22.14 -7.40
N ARG A 180 -6.74 -22.59 -8.46
CA ARG A 180 -5.75 -21.78 -9.17
C ARG A 180 -6.34 -20.61 -9.94
N LYS A 181 -7.66 -20.57 -10.10
CA LYS A 181 -8.27 -19.55 -10.94
C LYS A 181 -7.88 -18.14 -10.50
N TYR A 182 -7.75 -17.90 -9.20
CA TYR A 182 -7.46 -16.55 -8.70
C TYR A 182 -6.07 -16.09 -9.15
N PHE A 183 -5.07 -16.92 -8.87
CA PHE A 183 -3.71 -16.67 -9.30
C PHE A 183 -3.68 -16.42 -10.80
N ASP A 184 -4.33 -17.28 -11.57
CA ASP A 184 -4.25 -17.19 -13.02
C ASP A 184 -4.85 -15.87 -13.52
N MET A 185 -5.98 -15.48 -12.96
CA MET A 185 -6.67 -14.27 -13.37
CA MET A 185 -6.67 -14.28 -13.36
C MET A 185 -5.78 -13.06 -13.12
N ALA A 186 -5.16 -13.02 -11.95
CA ALA A 186 -4.29 -11.89 -11.64
C ALA A 186 -3.07 -11.87 -12.55
N LYS A 187 -2.42 -13.01 -12.74
CA LYS A 187 -1.19 -13.04 -13.53
C LYS A 187 -1.48 -12.70 -14.99
N ARG A 188 -2.62 -13.15 -15.52
CA ARG A 188 -2.95 -12.89 -16.92
C ARG A 188 -2.98 -11.38 -17.22
N ALA A 189 -3.56 -10.60 -16.29
CA ALA A 189 -3.64 -9.15 -16.48
C ALA A 189 -2.27 -8.49 -16.50
N MET A 190 -1.37 -8.96 -15.63
CA MET A 190 -0.02 -8.41 -15.61
C MET A 190 0.74 -8.78 -16.88
N ARG A 191 0.60 -10.04 -17.31
CA ARG A 191 1.28 -10.47 -18.52
C ARG A 191 0.86 -9.64 -19.72
N HIS A 192 -0.40 -9.24 -19.77
CA HIS A 192 -0.90 -8.43 -20.86
CA HIS A 192 -0.90 -8.45 -20.88
C HIS A 192 -0.05 -7.21 -21.11
N THR A 193 0.19 -6.43 -20.05
CA THR A 193 0.94 -5.20 -20.23
C THR A 193 2.41 -5.45 -20.40
N LEU A 194 2.93 -6.47 -19.72
CA LEU A 194 4.34 -6.79 -19.89
C LEU A 194 4.65 -7.20 -21.33
N ASP A 195 3.71 -7.90 -21.96
CA ASP A 195 3.87 -8.27 -23.37
C ASP A 195 3.87 -7.06 -24.29
N ARG A 196 3.41 -5.92 -23.81
CA ARG A 196 3.34 -4.70 -24.58
C ARG A 196 4.40 -3.69 -24.17
N ARG A 197 5.45 -4.16 -23.50
CA ARG A 197 6.59 -3.29 -23.21
C ARG A 197 7.18 -2.77 -24.51
N SER A 198 7.70 -1.56 -24.42
CA SER A 198 8.44 -0.96 -25.53
C SER A 198 9.79 -1.63 -25.69
N LYS A 199 10.50 -1.23 -26.73
CA LYS A 199 11.83 -1.75 -26.97
C LYS A 199 12.79 -1.41 -25.85
N ILE A 200 12.57 -0.30 -25.15
CA ILE A 200 13.38 0.07 -23.99
C ILE A 200 12.86 -0.51 -22.66
N GLY A 201 11.83 -1.36 -22.72
CA GLY A 201 11.46 -2.16 -21.57
C GLY A 201 10.49 -1.51 -20.61
N LEU A 202 9.84 -0.44 -21.03
CA LEU A 202 8.89 0.28 -20.21
C LEU A 202 7.47 0.05 -20.70
N MET A 203 6.52 0.24 -19.80
CA MET A 203 5.10 0.26 -20.11
C MET A 203 4.55 1.63 -19.80
N ALA A 204 3.67 2.14 -20.66
CA ALA A 204 2.87 3.29 -20.25
C ALA A 204 1.96 2.89 -19.09
N ALA A 205 1.60 3.87 -18.29
CA ALA A 205 0.93 3.58 -17.02
C ALA A 205 -0.58 3.47 -17.15
N ASN A 206 -1.13 3.96 -18.26
CA ASN A 206 -2.58 4.08 -18.47
C ASN A 206 -2.97 3.12 -19.56
N ILE A 207 -3.99 2.30 -19.29
CA ILE A 207 -4.37 1.22 -20.19
C ILE A 207 -5.88 1.06 -20.22
N HIS A 208 -6.40 0.63 -21.36
CA HIS A 208 -7.83 0.44 -21.55
C HIS A 208 -8.19 -1.02 -21.42
N ALA A 209 -9.14 -1.34 -20.55
CA ALA A 209 -9.49 -2.71 -20.30
C ALA A 209 -10.11 -3.43 -21.48
N MET A 210 -10.77 -2.71 -22.38
CA MET A 210 -11.45 -3.35 -23.50
C MET A 210 -10.62 -3.40 -24.77
N THR A 211 -9.90 -2.35 -25.10
CA THR A 211 -9.03 -2.41 -26.26
C THR A 211 -7.72 -3.10 -25.93
N GLY A 212 -7.34 -3.09 -24.65
CA GLY A 212 -6.06 -3.62 -24.23
C GLY A 212 -4.88 -2.73 -24.59
N ALA A 213 -5.14 -1.54 -25.11
CA ALA A 213 -4.10 -0.64 -25.57
C ALA A 213 -3.77 0.41 -24.50
N PHE A 214 -2.54 0.88 -24.52
CA PHE A 214 -2.18 2.01 -23.69
C PHE A 214 -2.98 3.25 -24.11
N THR A 215 -3.32 4.06 -23.13
CA THR A 215 -4.08 5.30 -23.38
C THR A 215 -3.26 6.54 -23.07
N SER A 216 -2.00 6.37 -22.66
CA SER A 216 -1.05 7.45 -22.58
C SER A 216 0.28 6.94 -23.07
N ARG A 217 1.28 7.80 -23.11
CA ARG A 217 2.65 7.40 -23.41
C ARG A 217 3.55 7.50 -22.18
N ASN A 218 3.00 7.73 -21.00
CA ASN A 218 3.83 8.01 -19.84
C ASN A 218 4.13 6.77 -19.03
N ALA A 219 5.41 6.41 -18.96
CA ALA A 219 5.88 5.41 -17.99
C ALA A 219 6.06 6.12 -16.65
N SER A 220 5.68 5.42 -15.59
CA SER A 220 5.69 5.95 -14.24
C SER A 220 6.17 4.90 -13.25
N ILE A 221 6.82 5.34 -12.18
CA ILE A 221 7.06 4.46 -11.04
C ILE A 221 6.08 4.76 -9.90
N ASP A 222 5.28 5.82 -10.00
CA ASP A 222 4.45 6.24 -8.88
C ASP A 222 2.99 6.27 -9.28
N VAL A 223 2.51 7.44 -9.63
CA VAL A 223 1.12 7.62 -9.99
CA VAL A 223 1.12 7.63 -10.00
C VAL A 223 0.76 6.66 -11.12
N TYR A 224 -0.38 6.01 -10.97
CA TYR A 224 -0.93 5.08 -11.94
C TYR A 224 -0.25 3.72 -12.02
N ALA A 225 0.85 3.47 -11.29
CA ALA A 225 1.64 2.29 -11.59
C ALA A 225 2.25 1.57 -10.41
N ASP A 226 2.67 2.29 -9.39
CA ASP A 226 3.44 1.82 -8.25
C ASP A 226 3.44 0.30 -7.99
N SER A 227 2.33 -0.21 -7.47
CA SER A 227 2.36 -1.56 -6.94
C SER A 227 2.39 -2.66 -7.99
N PHE A 228 2.18 -2.34 -9.26
CA PHE A 228 2.41 -3.34 -10.31
C PHE A 228 3.83 -3.90 -10.17
N TYR A 229 4.80 -3.00 -9.99
CA TYR A 229 6.19 -3.40 -9.94
C TYR A 229 6.51 -4.21 -8.69
N GLU A 230 5.90 -3.83 -7.57
CA GLU A 230 6.04 -4.62 -6.35
C GLU A 230 5.51 -6.02 -6.53
N TYR A 231 4.33 -6.14 -7.14
CA TYR A 231 3.66 -7.44 -7.14
C TYR A 231 4.36 -8.44 -8.04
N LEU A 232 5.15 -7.97 -9.00
CA LEU A 232 6.03 -8.88 -9.74
C LEU A 232 7.02 -9.55 -8.80
N TRP A 233 7.75 -8.75 -8.02
CA TRP A 233 8.69 -9.33 -7.07
C TRP A 233 7.98 -10.16 -6.03
N ASP A 234 6.88 -9.64 -5.51
CA ASP A 234 6.21 -10.29 -4.42
C ASP A 234 5.70 -11.67 -4.85
N ALA A 235 5.31 -11.84 -6.12
CA ALA A 235 4.84 -13.13 -6.60
C ALA A 235 5.98 -14.15 -6.71
N TRP A 236 7.17 -13.70 -7.04
CA TRP A 236 8.35 -14.56 -6.93
C TRP A 236 8.55 -14.97 -5.48
N ALA A 237 8.50 -14.00 -4.57
CA ALA A 237 8.75 -14.30 -3.18
C ALA A 237 7.71 -15.23 -2.57
N LEU A 238 6.43 -14.99 -2.87
CA LEU A 238 5.35 -15.75 -2.27
C LEU A 238 5.09 -17.09 -2.96
N PHE A 239 5.22 -17.12 -4.28
CA PHE A 239 4.75 -18.26 -5.08
C PHE A 239 5.86 -18.95 -5.83
N GLY A 240 7.06 -18.38 -5.84
CA GLY A 240 8.14 -18.94 -6.63
C GLY A 240 7.92 -18.84 -8.12
N ASP A 241 7.12 -17.86 -8.56
CA ASP A 241 6.79 -17.73 -9.97
C ASP A 241 7.98 -17.18 -10.74
N GLU A 242 8.50 -17.99 -11.65
N GLU A 242 8.51 -17.99 -11.64
CA GLU A 242 9.69 -17.65 -12.40
CA GLU A 242 9.71 -17.64 -12.39
C GLU A 242 9.47 -16.51 -13.38
C GLU A 242 9.47 -16.51 -13.38
N ASP A 243 8.30 -16.44 -13.99
CA ASP A 243 8.03 -15.34 -14.89
C ASP A 243 8.08 -14.02 -14.13
N CYS A 244 7.44 -13.97 -12.95
CA CYS A 244 7.41 -12.76 -12.16
C CYS A 244 8.78 -12.37 -11.68
N LYS A 245 9.62 -13.33 -11.33
CA LYS A 245 10.99 -13.03 -10.94
C LYS A 245 11.74 -12.33 -12.07
N ARG A 246 11.59 -12.86 -13.28
CA ARG A 246 12.21 -12.28 -14.46
C ARG A 246 11.68 -10.88 -14.72
N TRP A 247 10.37 -10.77 -14.76
CA TRP A 247 9.72 -9.51 -15.06
C TRP A 247 10.06 -8.44 -14.05
N ALA A 248 10.12 -8.79 -12.77
CA ALA A 248 10.42 -7.82 -11.74
C ALA A 248 11.74 -7.11 -11.99
N VAL A 249 12.76 -7.92 -12.25
CA VAL A 249 14.10 -7.41 -12.48
C VAL A 249 14.19 -6.69 -13.80
N GLU A 250 13.59 -7.23 -14.86
CA GLU A 250 13.60 -6.54 -16.14
C GLU A 250 12.96 -5.17 -16.04
N CYS A 251 11.81 -5.08 -15.38
CA CYS A 251 11.14 -3.81 -15.32
C CYS A 251 11.95 -2.77 -14.56
N VAL A 252 12.54 -3.18 -13.45
CA VAL A 252 13.34 -2.28 -12.64
C VAL A 252 14.60 -1.86 -13.40
N ASP A 253 15.26 -2.80 -14.08
CA ASP A 253 16.42 -2.39 -14.83
C ASP A 253 16.09 -1.40 -15.96
N ALA A 254 14.92 -1.54 -16.58
CA ALA A 254 14.50 -0.57 -17.58
C ALA A 254 14.29 0.80 -16.95
N GLN A 255 13.68 0.84 -15.78
CA GLN A 255 13.51 2.08 -15.05
C GLN A 255 14.83 2.71 -14.64
N LEU A 256 15.76 1.90 -14.17
CA LEU A 256 17.08 2.43 -13.80
C LEU A 256 17.82 2.97 -15.01
N ALA A 257 17.64 2.37 -16.17
CA ALA A 257 18.32 2.83 -17.38
C ALA A 257 17.69 4.09 -17.95
N HIS A 258 16.36 4.18 -17.91
CA HIS A 258 15.63 5.21 -18.66
C HIS A 258 14.86 6.20 -17.86
N GLN A 259 14.55 5.90 -16.60
CA GLN A 259 13.80 6.84 -15.76
C GLN A 259 14.61 7.45 -14.65
N ALA A 260 15.69 6.83 -14.22
CA ALA A 260 16.53 7.42 -13.16
C ALA A 260 17.20 8.67 -13.69
N LYS A 261 16.97 9.78 -13.02
CA LYS A 261 17.56 11.06 -13.40
CA LYS A 261 17.56 11.07 -13.40
C LYS A 261 18.03 11.76 -12.14
N ARG A 262 19.14 12.48 -12.21
CA ARG A 262 19.58 13.25 -11.05
C ARG A 262 19.28 14.73 -11.28
N TYR A 263 18.77 15.36 -10.25
CA TYR A 263 18.55 16.79 -10.23
C TYR A 263 19.17 17.31 -8.95
N ASP A 264 20.02 18.32 -9.06
CA ASP A 264 20.69 18.89 -7.90
C ASP A 264 21.32 17.83 -7.01
N GLY A 265 21.90 16.81 -7.66
CA GLY A 265 22.63 15.78 -6.96
C GLY A 265 21.79 14.65 -6.39
N ARG A 266 20.46 14.71 -6.53
CA ARG A 266 19.55 13.74 -5.93
C ARG A 266 18.89 12.90 -7.01
N LEU A 267 18.68 11.64 -6.72
CA LEU A 267 18.02 10.70 -7.59
C LEU A 267 16.51 10.85 -7.56
N TRP A 268 15.92 10.98 -8.74
CA TRP A 268 14.47 10.96 -8.92
C TRP A 268 14.14 10.10 -10.10
N PHE A 269 12.86 9.77 -10.22
CA PHE A 269 12.31 8.93 -11.30
C PHE A 269 11.07 9.61 -11.87
N PRO A 270 11.28 10.71 -12.62
CA PRO A 270 10.15 11.38 -13.24
C PRO A 270 9.51 10.50 -14.32
N MET A 271 8.30 10.86 -14.72
CA MET A 271 7.66 10.18 -15.83
C MET A 271 8.46 10.44 -17.11
N VAL A 272 8.49 9.43 -17.96
CA VAL A 272 9.14 9.52 -19.27
C VAL A 272 8.26 8.91 -20.33
N ASP A 273 8.52 9.28 -21.56
CA ASP A 273 7.85 8.62 -22.68
C ASP A 273 8.29 7.17 -22.71
N PHE A 274 7.33 6.25 -22.74
CA PHE A 274 7.65 4.85 -22.57
C PHE A 274 8.46 4.25 -23.70
N GLU A 275 8.46 4.89 -24.88
CA GLU A 275 9.25 4.43 -26.03
C GLU A 275 10.53 5.21 -26.22
N THR A 276 10.47 6.52 -26.06
CA THR A 276 11.63 7.35 -26.40
C THR A 276 12.51 7.63 -25.20
N GLY A 277 11.95 7.54 -24.00
CA GLY A 277 12.65 7.90 -22.80
C GLY A 277 12.76 9.40 -22.51
N ALA A 278 12.16 10.26 -23.33
CA ALA A 278 12.15 11.69 -23.05
C ALA A 278 11.40 11.96 -21.74
N VAL A 279 11.89 12.84 -20.88
CA VAL A 279 11.14 13.22 -19.68
C VAL A 279 9.85 13.90 -20.07
N THR A 280 8.76 13.45 -19.48
CA THR A 280 7.43 13.98 -19.79
C THR A 280 6.76 14.67 -18.61
N GLY A 281 7.38 14.64 -17.44
CA GLY A 281 6.82 15.32 -16.29
C GLY A 281 7.91 15.67 -15.33
N THR A 282 7.61 16.59 -14.42
CA THR A 282 8.58 17.00 -13.43
C THR A 282 8.11 16.71 -11.99
N ALA A 283 6.96 16.06 -11.83
CA ALA A 283 6.45 15.78 -10.49
C ALA A 283 6.95 14.43 -10.00
N GLN A 284 7.24 14.36 -8.71
CA GLN A 284 7.37 13.10 -8.01
C GLN A 284 6.47 13.13 -6.80
N SER A 285 5.68 12.07 -6.64
CA SER A 285 4.79 11.90 -5.52
CA SER A 285 4.81 11.95 -5.48
C SER A 285 5.55 11.33 -4.32
N GLU A 286 5.15 11.72 -3.11
CA GLU A 286 5.61 11.05 -1.90
C GLU A 286 5.43 9.53 -2.04
N LEU A 287 4.37 9.14 -2.74
CA LEU A 287 3.96 7.75 -2.95
CA LEU A 287 4.07 7.72 -2.74
C LEU A 287 5.09 6.92 -3.56
N ALA A 288 5.97 7.59 -4.31
CA ALA A 288 7.09 6.91 -4.95
C ALA A 288 8.08 6.30 -3.97
N ALA A 289 8.05 6.70 -2.69
CA ALA A 289 9.07 6.25 -1.78
C ALA A 289 9.08 4.74 -1.60
N TYR A 290 7.97 4.04 -1.86
CA TYR A 290 7.96 2.59 -1.78
C TYR A 290 9.09 2.00 -2.63
N TYR A 291 9.42 2.68 -3.72
CA TYR A 291 10.32 2.14 -4.72
C TYR A 291 11.73 1.98 -4.17
N ALA A 292 12.11 2.80 -3.20
CA ALA A 292 13.41 2.62 -2.57
C ALA A 292 13.53 1.22 -1.96
N GLY A 293 12.47 0.77 -1.30
CA GLY A 293 12.45 -0.57 -0.75
C GLY A 293 12.43 -1.65 -1.81
N LEU A 294 11.62 -1.47 -2.85
CA LEU A 294 11.56 -2.44 -3.93
C LEU A 294 12.92 -2.60 -4.58
N LEU A 295 13.62 -1.49 -4.80
CA LEU A 295 14.96 -1.56 -5.38
C LEU A 295 15.84 -2.48 -4.55
N GLY A 296 15.81 -2.35 -3.23
CA GLY A 296 16.58 -3.27 -2.41
C GLY A 296 16.15 -4.71 -2.57
N GLN A 297 14.85 -4.93 -2.56
CA GLN A 297 14.32 -6.29 -2.65
C GLN A 297 14.79 -7.02 -3.90
N VAL A 298 14.85 -6.32 -5.03
CA VAL A 298 15.15 -6.97 -6.28
C VAL A 298 16.65 -7.04 -6.56
N GLY A 299 17.48 -6.65 -5.59
CA GLY A 299 18.92 -6.75 -5.73
C GLY A 299 19.58 -5.50 -6.26
N ARG A 300 18.99 -4.35 -5.99
CA ARG A 300 19.51 -3.04 -6.39
C ARG A 300 19.54 -2.14 -5.15
N LYS A 301 20.14 -2.64 -4.09
CA LYS A 301 20.11 -1.94 -2.80
C LYS A 301 20.83 -0.61 -2.82
N ALA A 302 21.99 -0.51 -3.48
CA ALA A 302 22.69 0.78 -3.50
C ALA A 302 21.79 1.86 -4.11
N GLN A 303 21.11 1.51 -5.19
CA GLN A 303 20.18 2.44 -5.81
CA GLN A 303 20.19 2.44 -5.82
C GLN A 303 18.99 2.73 -4.91
N GLY A 304 18.51 1.71 -4.22
CA GLY A 304 17.44 1.91 -3.27
C GLY A 304 17.82 2.86 -2.15
N ASP A 305 19.03 2.72 -1.60
CA ASP A 305 19.49 3.65 -0.58
C ASP A 305 19.65 5.07 -1.16
N ASP A 306 20.13 5.18 -2.39
CA ASP A 306 20.25 6.48 -3.01
C ASP A 306 18.88 7.14 -3.16
N TYR A 307 17.88 6.35 -3.55
CA TYR A 307 16.54 6.91 -3.69
C TYR A 307 15.93 7.24 -2.33
N LEU A 308 16.15 6.39 -1.33
CA LEU A 308 15.69 6.73 0.01
C LEU A 308 16.22 8.07 0.44
N ALA A 309 17.50 8.32 0.13
CA ALA A 309 18.14 9.55 0.52
C ALA A 309 17.41 10.78 -0.04
N SER A 310 16.80 10.68 -1.21
CA SER A 310 16.04 11.79 -1.75
C SER A 310 14.86 12.12 -0.83
N PHE A 311 14.18 11.09 -0.34
CA PHE A 311 13.09 11.30 0.59
C PHE A 311 13.56 11.71 1.97
N THR A 312 14.71 11.22 2.42
CA THR A 312 15.27 11.65 3.69
C THR A 312 15.54 13.15 3.66
N TYR A 313 16.03 13.64 2.52
CA TYR A 313 16.18 15.09 2.27
C TYR A 313 14.87 15.83 2.42
N LEU A 314 13.80 15.31 1.83
CA LEU A 314 12.51 15.96 1.96
C LEU A 314 12.05 15.99 3.42
N GLN A 315 12.23 14.88 4.14
CA GLN A 315 11.83 14.82 5.55
C GLN A 315 12.62 15.83 6.38
N ALA A 316 13.94 15.88 6.18
CA ALA A 316 14.78 16.80 6.96
C ALA A 316 14.44 18.25 6.64
N THR A 317 14.09 18.53 5.40
CA THR A 317 13.84 19.91 4.98
C THR A 317 12.45 20.38 5.37
N PHE A 318 11.46 19.51 5.15
CA PHE A 318 10.05 19.91 5.28
C PHE A 318 9.35 19.32 6.49
N GLY A 319 9.99 18.41 7.20
CA GLY A 319 9.39 17.78 8.39
C GLY A 319 8.53 16.59 7.99
N VAL A 320 7.43 16.90 7.32
CA VAL A 320 6.59 15.92 6.66
C VAL A 320 6.95 15.97 5.20
N ILE A 321 7.09 14.79 4.58
CA ILE A 321 7.44 14.75 3.16
C ILE A 321 6.27 15.32 2.35
N PRO A 322 6.53 16.29 1.48
CA PRO A 322 5.43 16.84 0.69
C PRO A 322 4.75 15.79 -0.16
N GLU A 323 3.45 15.95 -0.34
CA GLU A 323 2.67 14.98 -1.08
C GLU A 323 3.18 14.83 -2.51
N SER A 324 3.66 15.93 -3.09
CA SER A 324 4.25 15.94 -4.42
CA SER A 324 4.41 15.83 -4.32
C SER A 324 5.32 17.03 -4.42
N ILE A 325 6.40 16.82 -5.15
CA ILE A 325 7.43 17.81 -5.35
C ILE A 325 7.73 17.96 -6.83
N ASP A 326 8.34 19.09 -7.17
CA ASP A 326 8.89 19.33 -8.50
C ASP A 326 10.36 18.89 -8.42
N VAL A 327 10.73 17.89 -9.20
CA VAL A 327 12.06 17.32 -9.14
C VAL A 327 13.12 18.33 -9.58
N THR A 328 12.74 19.31 -10.38
CA THR A 328 13.71 20.29 -10.87
C THR A 328 14.12 21.29 -9.81
N THR A 329 13.31 21.45 -8.77
CA THR A 329 13.65 22.37 -7.70
C THR A 329 13.75 21.70 -6.33
N GLY A 330 13.14 20.53 -6.18
CA GLY A 330 13.13 19.84 -4.92
C GLY A 330 12.18 20.43 -3.92
N GLN A 331 11.22 21.24 -4.40
CA GLN A 331 10.25 21.96 -3.56
C GLN A 331 8.83 21.39 -3.70
N PRO A 332 7.93 21.66 -2.71
CA PRO A 332 6.57 21.15 -2.75
C PRO A 332 5.75 21.67 -3.92
N ARG A 333 4.90 20.81 -4.45
CA ARG A 333 3.88 21.16 -5.43
C ARG A 333 2.51 21.26 -4.81
N ARG A 334 2.36 20.69 -3.63
CA ARG A 334 1.11 20.68 -2.88
C ARG A 334 1.46 20.85 -1.42
N LYS A 335 0.54 21.43 -0.66
CA LYS A 335 0.76 21.69 0.76
C LYS A 335 0.04 20.76 1.71
N HIS A 336 -0.98 20.05 1.21
CA HIS A 336 -1.74 19.08 1.99
CA HIS A 336 -1.71 19.10 2.04
C HIS A 336 -1.04 17.75 1.97
N THR A 337 -1.43 16.84 2.85
CA THR A 337 -0.93 15.48 2.82
C THR A 337 -2.05 14.48 3.02
N GLY A 338 -1.69 13.24 2.73
CA GLY A 338 -2.54 12.12 3.02
C GLY A 338 -2.09 11.24 4.17
N LEU A 339 -1.34 11.75 5.12
CA LEU A 339 -0.87 10.93 6.25
C LEU A 339 -0.23 9.64 5.70
N ARG A 340 0.78 9.84 4.85
CA ARG A 340 1.23 8.77 3.97
C ARG A 340 2.28 7.89 4.59
N PRO A 341 2.26 6.59 4.23
CA PRO A 341 3.11 5.59 4.86
C PRO A 341 4.36 5.15 4.08
N GLU A 342 4.61 5.70 2.89
CA GLU A 342 5.59 5.07 2.02
C GLU A 342 7.04 5.19 2.49
N TYR A 343 7.36 6.21 3.28
CA TYR A 343 8.73 6.32 3.78
C TYR A 343 9.08 5.22 4.78
N PRO A 344 8.28 4.98 5.83
CA PRO A 344 8.60 3.85 6.71
C PRO A 344 8.41 2.50 6.01
N ASP A 345 7.59 2.42 4.97
CA ASP A 345 7.51 1.22 4.10
C ASP A 345 8.91 0.91 3.58
N ALA A 346 9.52 1.89 2.94
CA ALA A 346 10.86 1.72 2.40
C ALA A 346 11.86 1.40 3.50
N CYS A 347 11.79 2.11 4.62
CA CYS A 347 12.74 1.86 5.70
C CYS A 347 12.66 0.41 6.17
N LEU A 348 11.45 -0.10 6.38
CA LEU A 348 11.29 -1.49 6.82
C LEU A 348 11.83 -2.46 5.76
N ASN A 349 11.46 -2.24 4.50
CA ASN A 349 11.90 -3.16 3.46
C ASN A 349 13.41 -3.20 3.31
N LEU A 350 14.07 -2.07 3.41
CA LEU A 350 15.52 -2.04 3.35
C LEU A 350 16.15 -2.63 4.61
N TRP A 351 15.57 -2.35 5.77
CA TRP A 351 16.07 -2.90 7.01
C TRP A 351 15.97 -4.41 7.05
N LEU A 352 14.95 -5.00 6.42
CA LEU A 352 14.85 -6.45 6.41
C LEU A 352 16.01 -7.09 5.68
N ILE A 353 16.73 -6.37 4.84
CA ILE A 353 17.87 -6.93 4.13
C ILE A 353 19.10 -7.12 5.02
N ASP A 354 19.49 -6.07 5.74
CA ASP A 354 20.76 -6.05 6.50
C ASP A 354 20.64 -5.65 7.98
N ARG A 355 19.46 -5.28 8.42
CA ARG A 355 19.23 -4.82 9.78
C ARG A 355 20.07 -3.61 10.20
N ASP A 356 20.31 -2.73 9.26
CA ASP A 356 21.09 -1.53 9.55
C ASP A 356 20.29 -0.60 10.45
N PRO A 357 20.81 -0.24 11.65
CA PRO A 357 20.03 0.63 12.54
C PRO A 357 19.77 2.03 11.97
N ARG A 358 20.49 2.42 10.93
CA ARG A 358 20.17 3.67 10.26
C ARG A 358 18.70 3.74 9.86
N TYR A 359 18.12 2.64 9.39
CA TYR A 359 16.73 2.67 8.96
C TYR A 359 15.80 2.87 10.15
N ARG A 360 16.16 2.32 11.31
CA ARG A 360 15.40 2.57 12.53
C ARG A 360 15.45 4.04 12.92
N ARG A 361 16.64 4.63 12.83
CA ARG A 361 16.77 6.05 13.15
CA ARG A 361 16.83 6.04 13.13
C ARG A 361 15.91 6.91 12.27
N LEU A 362 15.88 6.61 10.97
CA LEU A 362 15.10 7.38 10.02
C LEU A 362 13.61 7.20 10.25
N ALA A 363 13.18 5.99 10.52
CA ALA A 363 11.77 5.74 10.79
C ALA A 363 11.33 6.35 12.11
N ALA A 364 12.22 6.42 13.10
CA ALA A 364 11.89 7.07 14.37
C ALA A 364 11.65 8.55 14.17
N ILE A 365 12.41 9.20 13.30
CA ILE A 365 12.14 10.59 12.97
C ILE A 365 10.73 10.71 12.40
N HIS A 366 10.41 9.82 11.47
CA HIS A 366 9.11 9.85 10.81
C HIS A 366 7.97 9.65 11.79
N TYR A 367 8.08 8.66 12.68
CA TYR A 367 7.08 8.43 13.70
C TYR A 367 6.90 9.64 14.61
N ARG A 368 8.01 10.19 15.09
CA ARG A 368 7.94 11.34 15.97
C ARG A 368 7.32 12.54 15.26
N GLU A 369 7.61 12.72 13.97
CA GLU A 369 7.01 13.80 13.22
C GLU A 369 5.51 13.59 13.07
N MET A 370 5.10 12.34 12.87
CA MET A 370 3.67 12.02 12.81
C MET A 370 2.99 12.45 14.11
N LYS A 371 3.60 12.09 15.23
CA LYS A 371 3.05 12.46 16.54
CA LYS A 371 3.04 12.46 16.53
C LYS A 371 2.98 13.97 16.70
N ALA A 372 3.97 14.69 16.18
CA ALA A 372 4.07 16.14 16.37
C ALA A 372 3.12 16.91 15.49
N THR A 373 2.62 16.31 14.43
CA THR A 373 1.85 17.03 13.42
C THR A 373 0.42 16.53 13.23
N SER A 374 0.21 15.22 13.31
CA SER A 374 -1.06 14.61 12.94
C SER A 374 -1.93 14.18 14.12
N ARG A 375 -1.47 14.31 15.35
CA ARG A 375 -2.29 13.88 16.47
C ARG A 375 -3.46 14.83 16.66
N ALA A 376 -4.64 14.25 16.83
CA ALA A 376 -5.87 15.00 17.02
C ALA A 376 -6.63 14.38 18.20
N ALA A 377 -7.83 14.89 18.44
CA ALA A 377 -8.55 14.52 19.67
C ALA A 377 -8.85 13.03 19.73
N PHE A 378 -9.19 12.42 18.60
CA PHE A 378 -9.65 11.04 18.58
C PHE A 378 -8.85 10.15 17.64
N GLY A 379 -7.62 10.53 17.34
CA GLY A 379 -6.77 9.74 16.47
C GLY A 379 -5.80 10.60 15.72
N TYR A 380 -5.40 10.12 14.55
CA TYR A 380 -4.39 10.73 13.71
C TYR A 380 -4.97 11.15 12.39
N THR A 381 -4.61 12.35 11.93
CA THR A 381 -5.22 12.94 10.76
C THR A 381 -4.23 13.39 9.70
N ALA A 382 -4.72 13.37 8.47
CA ALA A 382 -4.08 14.00 7.33
C ALA A 382 -3.97 15.52 7.53
N LEU A 383 -3.05 16.13 6.81
CA LEU A 383 -2.72 17.54 6.99
C LEU A 383 -3.22 18.41 5.86
N LYS A 384 -3.54 19.63 6.24
CA LYS A 384 -3.99 20.68 5.36
C LYS A 384 -2.84 21.48 4.73
N ASP A 385 -1.84 21.78 5.55
CA ASP A 385 -0.79 22.67 5.10
C ASP A 385 0.46 22.41 5.92
N ILE A 386 1.45 21.80 5.25
CA ILE A 386 2.73 21.50 5.89
C ILE A 386 3.65 22.71 5.95
N THR A 387 3.25 23.85 5.36
CA THR A 387 4.13 25.02 5.30
C THR A 387 3.85 26.01 6.41
N THR A 388 2.70 25.91 7.08
CA THR A 388 2.41 26.75 8.25
C THR A 388 3.06 26.15 9.50
N ARG A 389 3.23 26.98 10.53
CA ARG A 389 3.70 26.50 11.81
C ARG A 389 2.75 27.02 12.87
N PRO A 390 2.00 26.13 13.56
CA PRO A 390 1.98 24.68 13.34
CA PRO A 390 1.96 24.68 13.35
C PRO A 390 1.38 24.32 11.99
N MET A 391 1.68 23.13 11.52
CA MET A 391 1.06 22.61 10.33
C MET A 391 -0.44 22.50 10.60
N THR A 392 -1.26 22.94 9.66
CA THR A 392 -2.69 22.85 9.87
C THR A 392 -3.18 21.47 9.44
N GLN A 393 -4.27 21.03 10.07
CA GLN A 393 -4.81 19.70 9.89
C GLN A 393 -6.07 19.70 9.07
N ASP A 394 -6.24 18.65 8.29
CA ASP A 394 -7.54 18.30 7.76
C ASP A 394 -8.19 17.37 8.78
N ASP A 395 -9.21 16.61 8.41
CA ASP A 395 -9.96 15.80 9.36
C ASP A 395 -10.30 14.44 8.77
N ASN A 396 -9.31 13.57 8.72
CA ASN A 396 -9.49 12.23 8.18
C ASN A 396 -8.32 11.37 8.55
N CYS A 397 -8.59 10.19 9.08
CA CYS A 397 -7.59 9.15 9.24
C CYS A 397 -7.81 8.15 8.11
N PRO A 398 -6.93 8.11 7.11
CA PRO A 398 -7.13 7.18 6.00
CA PRO A 398 -7.15 7.17 6.01
C PRO A 398 -7.06 5.73 6.47
N GLY A 399 -7.86 4.87 5.86
CA GLY A 399 -7.86 3.47 6.24
C GLY A 399 -6.47 2.85 6.24
N TYR A 400 -5.61 3.26 5.30
CA TYR A 400 -4.31 2.64 5.19
C TYR A 400 -3.43 2.91 6.40
N TRP A 401 -3.68 3.96 7.17
CA TRP A 401 -2.90 4.23 8.37
C TRP A 401 -2.97 3.05 9.33
N TRP A 402 -4.13 2.39 9.37
CA TRP A 402 -4.38 1.30 10.31
C TRP A 402 -3.59 0.05 9.95
N SER A 403 -3.33 -0.15 8.65
CA SER A 403 -2.56 -1.30 8.21
C SER A 403 -1.08 -1.01 8.07
N GLU A 404 -0.72 0.20 7.66
CA GLU A 404 0.62 0.49 7.19
C GLU A 404 1.56 1.08 8.24
N GLN A 405 1.58 2.39 8.44
CA GLN A 405 2.77 2.93 9.10
C GLN A 405 2.92 2.51 10.53
N MET A 406 1.85 2.35 11.29
CA MET A 406 2.00 1.90 12.67
C MET A 406 2.56 0.48 12.70
N LYS A 407 2.12 -0.36 11.77
CA LYS A 407 2.73 -1.67 11.63
C LYS A 407 4.20 -1.56 11.24
N TYR A 408 4.54 -0.70 10.28
CA TYR A 408 5.95 -0.57 9.90
C TYR A 408 6.82 -0.17 11.08
N TYR A 409 6.39 0.87 11.80
CA TYR A 409 7.15 1.31 12.95
C TYR A 409 7.28 0.16 13.95
N TYR A 410 6.18 -0.51 14.24
CA TYR A 410 6.23 -1.57 15.23
C TYR A 410 7.12 -2.72 14.79
N LEU A 411 7.06 -3.10 13.53
CA LEU A 411 7.94 -4.14 13.04
C LEU A 411 9.40 -3.73 13.11
N LEU A 412 9.69 -2.47 12.81
CA LEU A 412 11.06 -1.95 12.88
C LEU A 412 11.60 -1.92 14.29
N PHE A 413 10.76 -1.68 15.28
CA PHE A 413 11.26 -1.41 16.63
C PHE A 413 11.08 -2.56 17.62
N SER A 414 10.08 -3.41 17.41
CA SER A 414 9.65 -4.36 18.44
C SER A 414 10.40 -5.68 18.48
N ASP A 415 10.94 -6.11 17.35
CA ASP A 415 11.47 -7.47 17.20
C ASP A 415 10.47 -8.49 17.75
N THR A 416 9.20 -8.32 17.42
CA THR A 416 8.16 -9.14 18.02
C THR A 416 8.34 -10.62 17.73
N PRO A 417 8.09 -11.48 18.73
CA PRO A 417 8.13 -12.91 18.49
C PRO A 417 6.94 -13.41 17.68
N ARG A 418 5.93 -12.58 17.46
CA ARG A 418 4.76 -12.97 16.68
C ARG A 418 4.99 -13.00 15.19
N ILE A 419 6.16 -12.54 14.73
CA ILE A 419 6.50 -12.56 13.33
C ILE A 419 7.82 -13.28 13.15
N ASP A 420 7.86 -14.17 12.16
CA ASP A 420 9.11 -14.75 11.66
C ASP A 420 9.63 -13.78 10.62
N TYR A 421 10.57 -12.95 11.04
CA TYR A 421 11.04 -11.88 10.19
C TYR A 421 11.70 -12.41 8.92
N GLY A 422 12.26 -13.61 8.95
CA GLY A 422 12.82 -14.21 7.75
C GLY A 422 11.80 -14.62 6.70
N GLN A 423 10.58 -14.88 7.13
CA GLN A 423 9.51 -15.31 6.25
C GLN A 423 8.48 -14.21 5.97
N LEU A 424 8.60 -13.06 6.62
CA LEU A 424 7.65 -11.99 6.52
C LEU A 424 7.48 -11.54 5.08
N GLN A 425 6.23 -11.44 4.65
CA GLN A 425 5.84 -10.87 3.38
C GLN A 425 4.69 -9.92 3.63
N LEU A 426 4.78 -8.74 3.02
CA LEU A 426 3.81 -7.67 3.16
C LEU A 426 3.22 -7.34 1.81
N SER A 427 1.90 -7.15 1.75
CA SER A 427 1.25 -6.65 0.55
C SER A 427 1.55 -5.16 0.42
N THR A 428 1.05 -4.54 -0.66
CA THR A 428 1.29 -3.11 -0.83
C THR A 428 0.50 -2.25 0.16
N GLU A 429 -0.47 -2.87 0.84
CA GLU A 429 -1.25 -2.27 1.91
C GLU A 429 -0.74 -2.74 3.28
N ALA A 430 0.44 -3.36 3.29
CA ALA A 430 1.08 -3.89 4.48
C ALA A 430 0.35 -5.05 5.12
N ASN A 431 -0.56 -5.70 4.40
CA ASN A 431 -1.16 -6.91 4.96
C ASN A 431 -0.12 -8.00 4.97
N VAL A 432 0.03 -8.64 6.12
CA VAL A 432 0.98 -9.72 6.26
C VAL A 432 0.38 -10.96 5.61
N LEU A 433 1.09 -11.46 4.60
CA LEU A 433 0.65 -12.60 3.81
C LEU A 433 1.51 -13.83 4.05
N ARG A 434 2.54 -13.70 4.86
CA ARG A 434 3.37 -14.82 5.29
C ARG A 434 4.17 -14.33 6.47
N GLY A 435 4.47 -15.22 7.40
CA GLY A 435 5.36 -14.95 8.50
C GLY A 435 4.75 -14.85 9.88
N PHE A 436 3.46 -15.13 10.06
CA PHE A 436 2.91 -15.15 11.42
C PHE A 436 3.45 -16.35 12.18
N ARG A 437 3.80 -16.11 13.44
CA ARG A 437 4.18 -17.16 14.38
CA ARG A 437 4.17 -17.16 14.36
C ARG A 437 3.13 -17.13 15.48
N LYS A 438 2.21 -18.04 15.43
CA LYS A 438 1.17 -18.08 16.44
C LYS A 438 1.74 -18.39 17.85
N VAL A 439 1.04 -17.92 18.87
CA VAL A 439 1.49 -18.02 20.25
C VAL A 439 1.17 -19.41 20.81
#